data_7MME
#
_entry.id   7MME
#
_cell.length_a   55.616
_cell.length_b   58.511
_cell.length_c   59.938
_cell.angle_alpha   90.000
_cell.angle_beta   90.000
_cell.angle_gamma   90.000
#
_symmetry.space_group_name_H-M   'P 21 21 21'
#
loop_
_entity.id
_entity.type
_entity.pdbx_description
1 polymer 'NS3/4A protease'
2 non-polymer 'tert-butyl [(2R,6S,12Z,13aS,14aR,16aS)-2-[(7-methoxy-3-methylquinoxalin-2-yl)oxy]-14a-{[(1-methylcyclopropyl)sulfonyl]carbamoyl}-5,16-dioxo-1,2,3,5,6,7,8,9,10,11,13a,14,14a,15,16,16a-hexadecahydrocyclopropa[e]pyrrolo[1,2-a][1,4]diazacyclopentadecin-6-yl]carbamate'
3 non-polymer 'ZINC ION'
4 non-polymer 1,2-ETHANEDIOL
5 non-polymer GLYCEROL
6 non-polymer 'SULFATE ION'
7 water water
#
_entity_poly.entity_id   1
_entity_poly.type   'polypeptide(L)'
_entity_poly.pdbx_seq_one_letter_code
;HMASMKKKGSVVIVGRINLSGDTAYAQQTRGEEGCQETSQTGRDKNQVEGEVQIVSTATQTFLATSINGVLWTVYHGAGT
RTIASPKGPVTQMYTNVDKDLVGWQAPQGSRSLTPCTCGSSDLYLVTRHADVIPVRRRGDSRGSLLSPRPISYLKGSSGG
PLLCPAGHAVGIFRAAVSTRGVAKAVAFIPVESLETTMRS
;
_entity_poly.pdbx_strand_id   A
#
loop_
_chem_comp.id
_chem_comp.type
_chem_comp.name
_chem_comp.formula
9H4 non-polymer 'tert-butyl [(2R,6S,12Z,13aS,14aR,16aS)-2-[(7-methoxy-3-methylquinoxalin-2-yl)oxy]-14a-{[(1-methylcyclopropyl)sulfonyl]carbamoyl}-5,16-dioxo-1,2,3,5,6,7,8,9,10,11,13a,14,14a,15,16,16a-hexadecahydrocyclopropa[e]pyrrolo[1,2-a][1,4]diazacyclopentadecin-6-yl]carbamate' 'C37 H50 N6 O9 S'
EDO non-polymer 1,2-ETHANEDIOL 'C2 H6 O2'
GOL non-polymer GLYCEROL 'C3 H8 O3'
SO4 non-polymer 'SULFATE ION' 'O4 S -2'
ZN non-polymer 'ZINC ION' 'Zn 2'
#
# COMPACT_ATOMS: atom_id res chain seq x y z
N MET A 2 34.37 6.25 -0.42
CA MET A 2 33.42 6.84 0.50
C MET A 2 32.72 8.08 -0.04
N ALA A 3 33.50 8.97 -0.65
CA ALA A 3 32.95 10.28 -0.98
C ALA A 3 31.92 10.20 -2.09
N SER A 4 31.93 9.13 -2.87
CA SER A 4 31.01 8.98 -4.00
C SER A 4 29.83 8.08 -3.67
N MET A 5 29.71 7.58 -2.45
CA MET A 5 28.63 6.67 -2.16
C MET A 5 27.30 7.39 -2.33
N LYS A 6 26.37 6.73 -2.98
CA LYS A 6 25.09 7.31 -3.29
C LYS A 6 24.10 7.09 -2.13
N LYS A 7 23.02 7.83 -2.18
CA LYS A 7 21.91 7.74 -1.24
C LYS A 7 20.71 7.18 -1.98
N LYS A 8 19.97 6.27 -1.36
CA LYS A 8 18.74 5.83 -1.97
C LYS A 8 17.72 6.96 -1.87
N GLY A 9 16.87 7.06 -2.88
CA GLY A 9 15.86 8.08 -2.87
C GLY A 9 14.70 7.71 -1.97
N SER A 10 13.78 8.65 -1.82
CA SER A 10 12.56 8.44 -1.05
C SER A 10 11.51 7.72 -1.88
N VAL A 11 10.62 7.01 -1.18
CA VAL A 11 9.34 6.63 -1.75
C VAL A 11 8.56 7.90 -2.06
N VAL A 12 7.86 7.92 -3.20
CA VAL A 12 7.09 9.07 -3.66
C VAL A 12 5.66 8.65 -3.95
N ILE A 13 4.71 9.42 -3.44
CA ILE A 13 3.31 9.24 -3.82
C ILE A 13 3.13 9.76 -5.23
N VAL A 14 2.66 8.89 -6.14
CA VAL A 14 2.47 9.29 -7.53
C VAL A 14 1.02 9.24 -7.96
N GLY A 15 0.10 8.83 -7.10
CA GLY A 15 -1.29 8.77 -7.45
C GLY A 15 -2.07 8.19 -6.31
N ARG A 16 -3.33 7.85 -6.59
CA ARG A 16 -4.18 7.27 -5.57
C ARG A 16 -5.22 6.39 -6.23
N ILE A 17 -5.83 5.54 -5.42
CA ILE A 17 -7.01 4.79 -5.81
C ILE A 17 -8.20 5.52 -5.20
N ASN A 18 -9.00 6.14 -6.05
CA ASN A 18 -10.12 6.97 -5.59
C ASN A 18 -11.30 6.08 -5.25
N LEU A 19 -11.68 6.09 -3.97
CA LEU A 19 -12.80 5.31 -3.46
C LEU A 19 -13.88 6.21 -2.85
N SER A 20 -13.84 7.50 -3.19
CA SER A 20 -14.71 8.48 -2.53
C SER A 20 -16.15 8.36 -3.00
N GLY A 21 -16.38 7.87 -4.20
CA GLY A 21 -17.72 7.89 -4.75
C GLY A 21 -18.26 6.50 -5.02
N ASP A 22 -19.07 6.36 -6.07
CA ASP A 22 -19.64 5.07 -6.42
C ASP A 22 -18.76 4.27 -7.36
N THR A 23 -17.72 4.89 -7.92
CA THR A 23 -16.85 4.26 -8.89
C THR A 23 -15.42 4.32 -8.37
N ALA A 24 -14.75 3.18 -8.34
CA ALA A 24 -13.35 3.14 -7.94
C ALA A 24 -12.51 3.37 -9.19
N TYR A 25 -11.52 4.27 -9.09
CA TYR A 25 -10.67 4.51 -10.24
C TYR A 25 -9.31 5.03 -9.78
N ALA A 26 -8.29 4.68 -10.56
CA ALA A 26 -6.95 5.16 -10.30
C ALA A 26 -6.76 6.57 -10.87
N GLN A 27 -6.02 7.38 -10.13
CA GLN A 27 -5.63 8.73 -10.52
C GLN A 27 -4.12 8.85 -10.43
N GLN A 28 -3.49 9.40 -11.46
CA GLN A 28 -2.08 9.74 -11.35
C GLN A 28 -1.97 11.21 -10.96
N THR A 29 -1.12 11.49 -9.98
CA THR A 29 -0.89 12.86 -9.56
C THR A 29 0.53 13.35 -9.83
N ARG A 30 1.45 12.47 -10.20
CA ARG A 30 2.80 12.88 -10.61
C ARG A 30 3.36 11.94 -11.66
N GLY A 31 3.98 12.53 -12.74
CA GLY A 31 4.60 11.74 -13.79
C GLY A 31 6.01 11.25 -13.46
N GLU A 32 6.57 10.44 -14.38
CA GLU A 32 7.80 9.70 -14.09
C GLU A 32 8.99 10.62 -13.83
N GLU A 33 9.15 11.67 -14.64
CA GLU A 33 10.27 12.60 -14.43
C GLU A 33 10.15 13.31 -13.09
N GLY A 34 8.96 13.83 -12.79
CA GLY A 34 8.77 14.50 -11.51
C GLY A 34 8.90 13.56 -10.34
N CYS A 35 8.50 12.30 -10.53
CA CYS A 35 8.72 11.29 -9.51
C CYS A 35 10.21 11.13 -9.22
N GLN A 36 11.02 11.00 -10.27
CA GLN A 36 12.46 10.82 -10.09
C GLN A 36 13.08 11.98 -9.32
N GLU A 37 12.70 13.21 -9.65
CA GLU A 37 13.23 14.38 -8.97
C GLU A 37 12.80 14.44 -7.51
N THR A 38 11.53 14.14 -7.24
CA THR A 38 11.01 14.16 -5.87
C THR A 38 11.64 13.07 -5.02
N SER A 39 11.96 11.95 -5.64
CA SER A 39 12.61 10.86 -4.91
C SER A 39 14.00 11.28 -4.46
N GLN A 40 14.75 11.95 -5.32
CA GLN A 40 16.10 12.36 -4.94
C GLN A 40 16.07 13.47 -3.90
N THR A 41 15.15 14.44 -4.03
CA THR A 41 15.13 15.52 -3.05
C THR A 41 14.40 15.14 -1.77
N GLY A 42 13.41 14.27 -1.85
CA GLY A 42 12.54 14.02 -0.73
C GLY A 42 11.50 15.08 -0.44
N ARG A 43 11.34 16.07 -1.33
CA ARG A 43 10.45 17.21 -1.11
C ARG A 43 9.28 17.07 -2.07
N ASP A 44 8.11 16.80 -1.53
CA ASP A 44 6.88 16.59 -2.31
C ASP A 44 5.84 17.55 -1.79
N LYS A 45 5.55 18.59 -2.56
CA LYS A 45 4.55 19.58 -2.17
C LYS A 45 3.17 19.28 -2.73
N ASN A 46 2.97 18.13 -3.37
CA ASN A 46 1.67 17.85 -3.95
C ASN A 46 0.63 17.57 -2.88
N GLN A 47 -0.61 17.98 -3.17
CA GLN A 47 -1.75 17.64 -2.34
C GLN A 47 -1.96 16.12 -2.31
N VAL A 48 -2.13 15.58 -1.09
CA VAL A 48 -2.47 14.17 -0.90
C VAL A 48 -3.93 14.09 -0.49
N GLU A 49 -4.63 13.10 -1.05
CA GLU A 49 -6.01 12.83 -0.69
C GLU A 49 -6.22 11.32 -0.64
N GLY A 50 -7.17 10.89 0.17
CA GLY A 50 -7.64 9.53 0.12
C GLY A 50 -6.90 8.59 1.05
N GLU A 51 -7.37 7.34 1.03
CA GLU A 51 -6.86 6.27 1.88
C GLU A 51 -5.78 5.42 1.23
N VAL A 52 -5.86 5.18 -0.06
CA VAL A 52 -4.96 4.27 -0.76
C VAL A 52 -4.14 5.09 -1.75
N GLN A 53 -2.83 5.15 -1.54
CA GLN A 53 -1.90 5.86 -2.39
C GLN A 53 -1.19 4.89 -3.32
N ILE A 54 -0.88 5.36 -4.52
CA ILE A 54 0.04 4.68 -5.40
C ILE A 54 1.42 5.30 -5.19
N VAL A 55 2.41 4.46 -4.93
CA VAL A 55 3.74 4.94 -4.56
C VAL A 55 4.78 4.32 -5.48
N SER A 56 5.91 5.00 -5.60
CA SER A 56 7.00 4.54 -6.45
C SER A 56 8.36 4.83 -5.84
N THR A 57 9.32 3.98 -6.17
CA THR A 57 10.73 4.26 -5.99
C THR A 57 11.33 4.43 -7.38
N ALA A 58 12.66 4.49 -7.47
CA ALA A 58 13.26 4.55 -8.79
C ALA A 58 13.01 3.28 -9.59
N THR A 59 12.74 2.16 -8.92
CA THR A 59 12.74 0.87 -9.56
C THR A 59 11.46 0.09 -9.40
N GLN A 60 10.53 0.53 -8.55
N GLN A 60 10.53 0.53 -8.55
CA GLN A 60 9.33 -0.25 -8.30
CA GLN A 60 9.32 -0.24 -8.32
C GLN A 60 8.14 0.67 -8.07
C GLN A 60 8.13 0.70 -8.15
N THR A 61 6.93 0.13 -8.30
CA THR A 61 5.70 0.84 -8.00
C THR A 61 4.75 -0.12 -7.32
N PHE A 62 4.06 0.37 -6.30
CA PHE A 62 3.19 -0.47 -5.47
C PHE A 62 2.19 0.46 -4.78
N LEU A 63 1.53 -0.02 -3.73
CA LEU A 63 0.50 0.76 -3.05
C LEU A 63 0.88 0.99 -1.60
N ALA A 64 0.20 1.97 -0.98
CA ALA A 64 0.30 2.22 0.45
C ALA A 64 -1.07 2.64 0.98
N THR A 65 -1.39 2.23 2.21
CA THR A 65 -2.73 2.37 2.78
C THR A 65 -2.66 3.03 4.15
N SER A 66 -3.47 4.06 4.34
N SER A 66 -3.48 4.05 4.36
CA SER A 66 -3.53 4.72 5.63
CA SER A 66 -3.50 4.76 5.64
C SER A 66 -4.52 4.00 6.54
C SER A 66 -4.53 4.09 6.57
N ILE A 67 -4.05 3.62 7.72
CA ILE A 67 -4.88 3.04 8.76
C ILE A 67 -4.41 3.62 10.10
N ASN A 68 -5.34 4.16 10.89
CA ASN A 68 -5.02 4.71 12.21
C ASN A 68 -3.92 5.79 12.16
N GLY A 69 -3.93 6.62 11.13
CA GLY A 69 -3.00 7.74 11.06
C GLY A 69 -1.59 7.37 10.63
N VAL A 70 -1.41 6.17 10.10
CA VAL A 70 -0.13 5.66 9.60
C VAL A 70 -0.32 5.23 8.16
N LEU A 71 0.60 5.63 7.28
CA LEU A 71 0.62 5.14 5.91
C LEU A 71 1.49 3.90 5.89
N TRP A 72 0.85 2.74 5.62
CA TRP A 72 1.50 1.45 5.67
C TRP A 72 1.81 0.93 4.27
N THR A 73 2.92 0.21 4.16
CA THR A 73 3.17 -0.54 2.94
C THR A 73 4.09 -1.72 3.24
N VAL A 74 4.56 -2.38 2.18
CA VAL A 74 5.40 -3.57 2.31
C VAL A 74 6.88 -3.20 2.32
N TYR A 75 7.61 -3.92 3.17
CA TYR A 75 9.07 -3.79 3.19
C TYR A 75 9.70 -4.20 1.87
N HIS A 76 9.12 -5.19 1.17
CA HIS A 76 9.74 -5.65 -0.07
C HIS A 76 9.62 -4.62 -1.19
N GLY A 77 8.76 -3.60 -1.03
CA GLY A 77 8.70 -2.46 -1.94
C GLY A 77 9.52 -1.28 -1.42
N ALA A 78 9.37 -0.94 -0.14
CA ALA A 78 9.95 0.30 0.37
C ALA A 78 11.33 0.14 0.98
N GLY A 79 11.71 -1.08 1.36
CA GLY A 79 12.88 -1.24 2.21
C GLY A 79 12.79 -0.30 3.39
N THR A 80 13.93 0.30 3.76
CA THR A 80 14.02 1.26 4.86
C THR A 80 13.88 2.71 4.41
N ARG A 81 13.36 2.94 3.20
N ARG A 81 13.35 2.94 3.21
CA ARG A 81 13.39 4.27 2.61
CA ARG A 81 13.38 4.27 2.64
C ARG A 81 12.50 5.27 3.34
C ARG A 81 12.53 5.27 3.41
N THR A 82 12.94 6.53 3.34
CA THR A 82 12.11 7.64 3.74
C THR A 82 10.98 7.83 2.71
N ILE A 83 9.97 8.60 3.09
CA ILE A 83 8.93 9.03 2.16
C ILE A 83 9.08 10.52 1.92
N ALA A 84 8.85 10.94 0.68
CA ALA A 84 8.89 12.37 0.36
C ALA A 84 7.70 13.08 0.95
N SER A 85 7.92 14.30 1.43
CA SER A 85 6.90 15.06 2.12
C SER A 85 7.18 16.54 1.90
N PRO A 86 6.23 17.41 2.22
CA PRO A 86 6.41 18.83 1.87
C PRO A 86 7.64 19.46 2.48
N LYS A 87 8.11 18.95 3.61
N LYS A 87 8.08 18.98 3.65
CA LYS A 87 9.22 19.54 4.34
CA LYS A 87 9.24 19.55 4.33
C LYS A 87 10.51 18.74 4.17
C LYS A 87 10.43 18.60 4.32
N GLY A 88 10.48 17.68 3.36
CA GLY A 88 11.64 16.89 3.12
C GLY A 88 11.37 15.47 3.56
N PRO A 89 12.39 14.64 3.47
CA PRO A 89 12.18 13.21 3.72
C PRO A 89 11.72 12.94 5.14
N VAL A 90 10.81 11.97 5.28
CA VAL A 90 10.30 11.54 6.58
C VAL A 90 10.71 10.09 6.80
N THR A 91 11.35 9.83 7.96
CA THR A 91 11.81 8.49 8.32
C THR A 91 10.64 7.60 8.71
N GLN A 92 10.74 6.30 8.36
CA GLN A 92 9.74 5.35 8.82
C GLN A 92 9.60 5.42 10.31
N MET A 93 8.36 5.32 10.81
CA MET A 93 8.15 5.17 12.23
C MET A 93 7.90 3.71 12.63
N TYR A 94 7.64 2.84 11.65
CA TYR A 94 7.61 1.40 11.87
C TYR A 94 8.36 0.70 10.74
N THR A 95 9.13 -0.31 11.11
CA THR A 95 9.83 -1.17 10.17
C THR A 95 9.84 -2.56 10.75
N ASN A 96 9.28 -3.53 10.03
CA ASN A 96 9.30 -4.92 10.49
C ASN A 96 9.47 -5.85 9.28
N VAL A 97 10.72 -6.20 9.02
CA VAL A 97 11.04 -7.07 7.90
C VAL A 97 10.41 -8.46 8.06
N ASP A 98 10.24 -8.89 9.31
CA ASP A 98 9.66 -10.22 9.53
C ASP A 98 8.20 -10.27 9.13
N LYS A 99 7.49 -9.15 9.16
CA LYS A 99 6.10 -9.07 8.75
C LYS A 99 5.95 -8.53 7.32
N ASP A 100 7.04 -8.14 6.69
CA ASP A 100 7.03 -7.43 5.40
C ASP A 100 6.27 -6.11 5.50
N LEU A 101 6.51 -5.37 6.59
CA LEU A 101 5.69 -4.21 6.92
C LEU A 101 6.52 -2.98 7.23
N VAL A 102 6.12 -1.83 6.68
CA VAL A 102 6.67 -0.55 7.10
C VAL A 102 5.56 0.48 7.20
N GLY A 103 5.84 1.55 7.93
CA GLY A 103 4.87 2.62 8.05
C GLY A 103 5.52 3.96 8.30
N TRP A 104 4.89 5.00 7.77
CA TRP A 104 5.25 6.38 8.04
C TRP A 104 4.03 7.11 8.58
N GLN A 105 4.25 8.22 9.28
CA GLN A 105 3.15 9.09 9.66
C GLN A 105 2.33 9.44 8.43
N ALA A 106 1.01 9.38 8.56
CA ALA A 106 0.15 9.59 7.38
C ALA A 106 0.27 11.03 6.89
N PRO A 107 0.40 11.24 5.57
CA PRO A 107 0.54 12.61 5.06
C PRO A 107 -0.67 13.47 5.37
N GLN A 108 -0.40 14.77 5.59
CA GLN A 108 -1.46 15.76 5.65
C GLN A 108 -2.36 15.65 4.43
N GLY A 109 -3.67 15.55 4.67
CA GLY A 109 -4.63 15.48 3.61
C GLY A 109 -5.13 14.08 3.33
N SER A 110 -4.37 13.07 3.72
CA SER A 110 -4.85 11.70 3.62
C SER A 110 -6.02 11.47 4.58
N ARG A 111 -6.78 10.42 4.29
CA ARG A 111 -7.83 9.88 5.13
C ARG A 111 -7.42 8.47 5.54
N SER A 112 -7.80 8.06 6.75
CA SER A 112 -7.40 6.77 7.27
C SER A 112 -8.57 5.82 7.31
N LEU A 113 -8.32 4.55 7.01
CA LEU A 113 -9.27 3.51 7.27
C LEU A 113 -9.26 3.14 8.75
N THR A 114 -10.41 2.62 9.21
CA THR A 114 -10.58 2.12 10.57
C THR A 114 -10.35 0.64 10.62
N PRO A 115 -9.59 0.11 11.60
CA PRO A 115 -9.42 -1.34 11.71
C PRO A 115 -10.75 -2.04 11.92
N CYS A 116 -10.92 -3.14 11.21
CA CYS A 116 -12.15 -3.92 11.28
C CYS A 116 -12.27 -4.65 12.62
N THR A 117 -13.47 -4.59 13.21
CA THR A 117 -13.79 -5.39 14.38
C THR A 117 -15.04 -6.24 14.14
N CYS A 118 -15.40 -6.45 12.86
CA CYS A 118 -16.63 -7.15 12.44
C CYS A 118 -16.52 -8.66 12.63
N GLY A 119 -15.32 -9.21 12.59
CA GLY A 119 -15.17 -10.66 12.62
C GLY A 119 -15.76 -11.38 11.44
N SER A 120 -15.87 -10.70 10.28
CA SER A 120 -16.50 -11.14 9.01
C SER A 120 -15.44 -11.71 8.10
N SER A 121 -15.78 -12.74 7.33
CA SER A 121 -14.84 -13.35 6.40
C SER A 121 -15.12 -13.04 4.92
N ASP A 122 -16.06 -12.16 4.61
CA ASP A 122 -16.29 -11.75 3.24
C ASP A 122 -15.54 -10.43 3.00
N LEU A 123 -14.44 -10.50 2.26
CA LEU A 123 -13.51 -9.39 2.11
C LEU A 123 -13.44 -8.91 0.67
N TYR A 124 -12.73 -7.79 0.48
CA TYR A 124 -12.57 -7.13 -0.81
C TYR A 124 -11.15 -6.60 -0.89
N LEU A 125 -10.43 -7.00 -1.93
CA LEU A 125 -9.08 -6.56 -2.20
C LEU A 125 -9.12 -5.43 -3.23
N VAL A 126 -8.43 -4.32 -2.96
CA VAL A 126 -8.38 -3.20 -3.89
C VAL A 126 -7.01 -3.19 -4.58
N THR A 127 -6.99 -3.23 -5.92
CA THR A 127 -5.74 -3.28 -6.66
C THR A 127 -5.35 -1.88 -7.16
N ARG A 128 -4.13 -1.80 -7.70
CA ARG A 128 -3.59 -0.54 -8.21
C ARG A 128 -4.32 -0.08 -9.47
N HIS A 129 -5.11 -0.95 -10.07
CA HIS A 129 -5.96 -0.59 -11.21
C HIS A 129 -7.39 -0.30 -10.78
N ALA A 130 -7.61 -0.18 -9.47
CA ALA A 130 -8.90 0.11 -8.87
C ALA A 130 -9.91 -1.01 -9.09
N ASP A 131 -9.43 -2.22 -9.36
CA ASP A 131 -10.31 -3.39 -9.31
C ASP A 131 -10.60 -3.72 -7.85
N VAL A 132 -11.84 -4.07 -7.57
CA VAL A 132 -12.27 -4.45 -6.23
C VAL A 132 -12.64 -5.93 -6.33
N ILE A 133 -11.81 -6.78 -5.75
CA ILE A 133 -11.77 -8.22 -5.97
C ILE A 133 -12.36 -8.91 -4.74
N PRO A 134 -13.50 -9.59 -4.84
CA PRO A 134 -13.99 -10.34 -3.69
C PRO A 134 -13.04 -11.47 -3.28
N VAL A 135 -12.85 -11.59 -1.97
CA VAL A 135 -11.90 -12.51 -1.36
C VAL A 135 -12.57 -13.11 -0.14
N ARG A 136 -12.58 -14.44 -0.05
CA ARG A 136 -13.10 -15.11 1.14
C ARG A 136 -11.95 -15.36 2.10
N ARG A 137 -12.06 -14.86 3.32
CA ARG A 137 -11.01 -15.10 4.30
C ARG A 137 -10.92 -16.59 4.62
N ARG A 138 -9.69 -17.12 4.61
CA ARG A 138 -9.45 -18.55 4.79
C ARG A 138 -8.56 -18.87 5.97
N GLY A 139 -8.03 -17.87 6.65
CA GLY A 139 -7.23 -18.07 7.83
C GLY A 139 -6.84 -16.72 8.38
N ASP A 140 -5.91 -16.71 9.33
CA ASP A 140 -5.48 -15.44 9.91
C ASP A 140 -4.91 -14.49 8.85
N SER A 141 -4.20 -15.02 7.86
CA SER A 141 -3.45 -14.15 6.95
C SER A 141 -3.62 -14.55 5.50
N ARG A 142 -4.68 -15.29 5.17
CA ARG A 142 -4.90 -15.77 3.82
C ARG A 142 -6.36 -15.62 3.43
N GLY A 143 -6.59 -15.37 2.15
CA GLY A 143 -7.93 -15.35 1.59
C GLY A 143 -7.88 -15.87 0.17
N SER A 144 -8.98 -16.50 -0.25
CA SER A 144 -9.08 -17.01 -1.62
C SER A 144 -9.84 -16.04 -2.53
N LEU A 145 -9.37 -15.93 -3.76
N LEU A 145 -9.38 -15.92 -3.77
CA LEU A 145 -10.10 -15.14 -4.75
CA LEU A 145 -10.11 -15.14 -4.75
C LEU A 145 -11.34 -15.90 -5.20
C LEU A 145 -11.35 -15.89 -5.20
N LEU A 146 -12.49 -15.24 -5.20
CA LEU A 146 -13.69 -15.91 -5.69
C LEU A 146 -13.53 -16.23 -7.18
N SER A 147 -12.85 -15.34 -7.91
CA SER A 147 -12.51 -15.56 -9.31
C SER A 147 -11.00 -15.45 -9.46
N PRO A 148 -10.29 -16.56 -9.59
CA PRO A 148 -8.84 -16.49 -9.75
C PRO A 148 -8.41 -15.67 -10.95
N ARG A 149 -7.21 -15.10 -10.87
CA ARG A 149 -6.67 -14.14 -11.84
C ARG A 149 -5.21 -14.47 -12.08
N PRO A 150 -4.70 -14.23 -13.31
CA PRO A 150 -3.25 -14.34 -13.51
C PRO A 150 -2.53 -13.41 -12.55
N ILE A 151 -1.34 -13.82 -12.12
CA ILE A 151 -0.60 -12.99 -11.16
C ILE A 151 -0.29 -11.61 -11.74
N SER A 152 -0.25 -11.49 -13.07
CA SER A 152 -0.07 -10.20 -13.73
C SER A 152 -1.05 -9.15 -13.24
N TYR A 153 -2.26 -9.58 -12.92
CA TYR A 153 -3.36 -8.70 -12.52
C TYR A 153 -3.12 -8.11 -11.13
N LEU A 154 -2.38 -8.82 -10.29
CA LEU A 154 -2.12 -8.41 -8.92
C LEU A 154 -0.78 -7.74 -8.74
N LYS A 155 0.15 -7.93 -9.69
CA LYS A 155 1.48 -7.35 -9.58
C LYS A 155 1.38 -5.83 -9.44
N GLY A 156 2.09 -5.30 -8.46
CA GLY A 156 2.07 -3.88 -8.20
C GLY A 156 1.02 -3.45 -7.21
N SER A 157 0.29 -4.38 -6.60
CA SER A 157 -0.76 -4.02 -5.67
C SER A 157 -0.41 -4.34 -4.23
N SER A 158 0.78 -4.90 -3.96
CA SER A 158 1.22 -5.05 -2.58
C SER A 158 1.14 -3.70 -1.89
N GLY A 159 0.78 -3.73 -0.61
CA GLY A 159 0.54 -2.52 0.14
C GLY A 159 -0.89 -2.05 0.13
N GLY A 160 -1.73 -2.59 -0.77
CA GLY A 160 -3.13 -2.23 -0.85
C GLY A 160 -3.97 -2.91 0.21
N PRO A 161 -5.19 -2.43 0.38
CA PRO A 161 -6.03 -2.97 1.45
C PRO A 161 -6.89 -4.16 1.06
N LEU A 162 -7.12 -5.00 2.07
CA LEU A 162 -8.28 -5.88 2.12
C LEU A 162 -9.27 -5.25 3.09
N LEU A 163 -10.51 -5.10 2.65
CA LEU A 163 -11.58 -4.43 3.37
C LEU A 163 -12.72 -5.40 3.66
N CYS A 164 -13.44 -5.14 4.76
CA CYS A 164 -14.69 -5.85 5.05
C CYS A 164 -15.86 -5.21 4.30
N PRO A 165 -17.05 -5.79 4.39
CA PRO A 165 -18.20 -5.20 3.66
C PRO A 165 -18.50 -3.76 4.04
N ALA A 166 -18.22 -3.36 5.28
CA ALA A 166 -18.46 -2.01 5.76
C ALA A 166 -17.28 -1.07 5.50
N GLY A 167 -16.25 -1.52 4.81
CA GLY A 167 -15.17 -0.64 4.43
C GLY A 167 -14.09 -0.45 5.46
N HIS A 168 -14.06 -1.30 6.48
CA HIS A 168 -12.97 -1.26 7.45
C HIS A 168 -11.75 -1.99 6.89
N ALA A 169 -10.58 -1.63 7.40
CA ALA A 169 -9.35 -2.34 7.02
C ALA A 169 -9.21 -3.66 7.76
N VAL A 170 -9.04 -4.74 7.00
CA VAL A 170 -8.78 -6.06 7.54
C VAL A 170 -7.32 -6.47 7.38
N GLY A 171 -6.64 -5.97 6.36
CA GLY A 171 -5.24 -6.33 6.22
C GLY A 171 -4.60 -5.56 5.07
N ILE A 172 -3.31 -5.78 4.92
CA ILE A 172 -2.47 -5.19 3.88
C ILE A 172 -1.98 -6.32 2.97
N PHE A 173 -2.27 -6.22 1.67
CA PHE A 173 -1.88 -7.25 0.71
C PHE A 173 -0.36 -7.38 0.63
N ARG A 174 0.14 -8.61 0.81
CA ARG A 174 1.56 -8.90 0.89
C ARG A 174 2.06 -9.77 -0.25
N ALA A 175 1.37 -10.87 -0.57
CA ALA A 175 1.88 -11.84 -1.51
C ALA A 175 0.73 -12.57 -2.17
N ALA A 176 0.96 -13.04 -3.40
CA ALA A 176 0.00 -13.87 -4.11
C ALA A 176 0.39 -15.34 -4.02
N VAL A 177 -0.61 -16.18 -3.82
CA VAL A 177 -0.41 -17.63 -3.79
C VAL A 177 -0.69 -18.12 -5.20
N SER A 178 0.38 -18.58 -5.86
CA SER A 178 0.41 -18.78 -7.30
C SER A 178 0.55 -20.26 -7.64
N THR A 179 -0.31 -20.73 -8.54
CA THR A 179 -0.21 -22.04 -9.17
C THR A 179 -0.23 -21.87 -10.68
N ARG A 180 0.87 -22.22 -11.34
CA ARG A 180 0.93 -22.14 -12.81
C ARG A 180 0.62 -20.73 -13.27
N GLY A 181 1.07 -19.74 -12.49
CA GLY A 181 0.88 -18.34 -12.79
C GLY A 181 -0.48 -17.77 -12.46
N VAL A 182 -1.38 -18.56 -11.87
CA VAL A 182 -2.72 -18.12 -11.54
C VAL A 182 -2.80 -17.92 -10.04
N ALA A 183 -3.23 -16.73 -9.62
CA ALA A 183 -3.44 -16.45 -8.21
C ALA A 183 -4.80 -16.97 -7.79
N LYS A 184 -4.82 -18.03 -6.98
CA LYS A 184 -6.05 -18.50 -6.39
C LYS A 184 -6.28 -17.92 -5.00
N ALA A 185 -5.24 -17.39 -4.37
CA ALA A 185 -5.33 -16.87 -3.02
C ALA A 185 -4.30 -15.78 -2.83
N VAL A 186 -4.49 -15.01 -1.76
CA VAL A 186 -3.56 -13.96 -1.38
C VAL A 186 -3.20 -14.10 0.09
N ALA A 187 -2.01 -13.65 0.41
CA ALA A 187 -1.56 -13.49 1.79
C ALA A 187 -1.54 -12.01 2.13
N PHE A 188 -1.91 -11.69 3.37
CA PHE A 188 -1.96 -10.32 3.83
C PHE A 188 -1.46 -10.22 5.26
N ILE A 189 -1.05 -8.99 5.61
CA ILE A 189 -0.68 -8.63 6.97
C ILE A 189 -1.97 -8.27 7.69
N PRO A 190 -2.41 -9.04 8.67
CA PRO A 190 -3.67 -8.73 9.34
C PRO A 190 -3.58 -7.40 10.06
N VAL A 191 -4.71 -6.68 10.10
CA VAL A 191 -4.73 -5.37 10.75
C VAL A 191 -4.36 -5.50 12.22
N GLU A 192 -4.64 -6.65 12.85
CA GLU A 192 -4.25 -6.79 14.26
C GLU A 192 -2.74 -6.77 14.42
N SER A 193 -2.02 -7.25 13.42
CA SER A 193 -0.57 -7.22 13.46
C SER A 193 -0.05 -5.79 13.33
N LEU A 194 -0.70 -4.99 12.49
CA LEU A 194 -0.40 -3.56 12.46
C LEU A 194 -0.63 -2.93 13.83
N GLU A 195 -1.77 -3.25 14.44
CA GLU A 195 -2.13 -2.67 15.73
C GLU A 195 -1.10 -3.06 16.80
N THR A 196 -0.60 -4.30 16.75
CA THR A 196 0.46 -4.72 17.69
C THR A 196 1.78 -4.01 17.38
N THR A 197 2.13 -3.87 16.10
CA THR A 197 3.33 -3.11 15.76
C THR A 197 3.22 -1.69 16.32
N MET A 198 2.03 -1.12 16.38
CA MET A 198 1.86 0.25 16.85
C MET A 198 2.12 0.33 18.36
C10 9H4 B . 8.01 -11.49 0.00
C13 9H4 B . 7.29 -10.27 -2.77
C20 9H4 B . 2.69 -11.91 -7.41
C21 9H4 B . 1.85 -10.64 -7.65
C22 9H4 B . 3.02 -8.73 -4.55
C24 9H4 B . 5.07 -10.03 -4.08
C26 9H4 B . 3.26 -7.47 -5.34
C01 9H4 B . 7.51 -12.50 -3.30
C02 9H4 B . 5.12 -14.29 -4.44
C03 9H4 B . 5.34 -13.29 -6.78
C04 9H4 B . 3.88 -11.96 -8.39
C05 9H4 B . 1.55 -9.71 -6.72
C06 9H4 B . 2.08 -9.72 -5.28
C07 9H4 B . 1.58 -8.91 -4.09
C08 9H4 B . 6.00 -12.60 1.23
C09 9H4 B . 7.27 -11.77 1.31
C12 9H4 B . 7.95 -11.63 -2.40
C14 9H4 B . 5.84 -10.73 -2.95
C16 9H4 B . 4.85 -12.89 -3.89
C18 9H4 B . 4.61 -14.34 -5.89
C19 9H4 B . 4.69 -13.28 -8.20
C32 9H4 B . 6.59 -5.26 -5.74
C33 9H4 B . 6.84 -4.28 -4.61
C34 9H4 B . 6.98 -3.82 -6.06
C36 9H4 B . 4.89 -15.67 -2.40
C39 9H4 B . 4.20 -17.06 -0.52
C40 9H4 B . 5.34 -18.07 -0.72
C41 9H4 B . 4.55 -16.05 0.61
C42 9H4 B . 2.89 -17.84 -0.24
C44 9H4 B . 9.70 -10.26 1.12
C45 9H4 B . 10.98 -9.46 1.05
C46 9H4 B . 11.47 -8.94 2.38
C48 9H4 B . 13.21 -7.98 1.18
C49 9H4 B . 10.76 -9.19 3.69
C50 9H4 B . 9.50 -10.00 3.74
C51 9H4 B . 8.98 -10.52 2.41
C53 9H4 B . 7.59 -6.41 -6.03
N15 9H4 B . 5.94 -12.05 -3.39
N23 9H4 B . 3.98 -9.22 -3.59
N28 9H4 B . 4.57 -6.97 -5.12
N35 9H4 B . 4.36 -15.20 -3.66
N43 9H4 B . 9.21 -10.76 -0.13
N52 9H4 B . 7.77 -11.28 2.54
O11 9H4 B . 7.42 -12.06 -1.10
O17 9H4 B . 3.75 -12.40 -3.89
O25 9H4 B . 5.35 -10.14 -5.25
O27 9H4 B . 2.45 -6.94 -6.04
O30 9H4 B . 4.77 -5.93 -7.46
O31 9H4 B . 4.05 -4.47 -5.71
O37 9H4 B . 6.00 -15.44 -1.99
O38 9H4 B . 3.90 -16.41 -1.74
O47 9H4 B . 12.63 -8.21 2.43
S29 9H4 B . 4.87 -5.63 -6.03
H132 9H4 B . 7.35 -9.62 -2.04
H131 9H4 B . 7.64 -9.90 -3.59
H202 9H4 B . 2.13 -12.70 -7.53
H201 9H4 B . 3.04 -11.89 -6.50
H211 9H4 B . 1.52 -10.50 -8.51
H012 9H4 B . 7.61 -13.41 -3.00
H011 9H4 B . 7.96 -12.38 -4.16
H021 9H4 B . 6.06 -14.52 -4.42
H031 9H4 B . 6.28 -13.52 -6.85
H032 9H4 B . 5.25 -12.41 -6.37
H041 9H4 B . 4.47 -11.21 -8.23
H042 9H4 B . 3.54 -11.93 -9.30
H051 9H4 B . 0.98 -9.01 -6.97
H061 9H4 B . 2.08 -10.63 -4.92
H071 9H4 B . 1.47 -9.41 -3.27
H072 9H4 B . 0.98 -8.18 -4.31
H081 9H4 B . 6.10 -13.32 0.59
H083 9H4 B . 5.80 -12.97 2.11
H082 9H4 B . 5.26 -12.03 0.95
H121 9H4 B . 8.92 -11.56 -2.41
H141 9H4 B . 5.43 -10.59 -2.09
H182 9H4 B . 3.65 -14.15 -5.90
H181 9H4 B . 4.78 -15.23 -6.25
H192 9H4 B . 5.39 -13.32 -8.87
H191 9H4 B . 4.10 -14.04 -8.29
H332 9H4 B . 7.67 -4.39 -4.12
H331 9H4 B . 6.06 -3.95 -4.14
H341 9H4 B . 6.26 -3.26 -6.41
H342 9H4 B . 7.89 -3.70 -6.38
H403 9H4 B . 6.16 -17.60 -0.93
H402 9H4 B . 5.11 -18.68 -1.44
H401 9H4 B . 5.47 -18.58 0.10
H411 9H4 B . 5.51 -16.05 0.75
H412 9H4 B . 4.27 -15.17 0.35
H413 9H4 B . 4.10 -16.31 1.42
H423 9H4 B . 2.48 -17.51 0.57
H422 9H4 B . 3.10 -18.78 -0.14
H421 9H4 B . 2.28 -17.72 -0.99
H451 9H4 B . 11.43 -9.31 0.26
H481 9H4 B . 13.40 -8.83 0.75
H483 9H4 B . 12.59 -7.47 0.62
H482 9H4 B . 14.03 -7.48 1.30
H491 9H4 B . 11.11 -8.84 4.49
H501 9H4 B . 9.06 -10.18 4.54
H532 9H4 B . 7.42 -6.77 -6.90
H531 9H4 B . 8.49 -6.06 -6.00
H533 9H4 B . 7.49 -7.11 -5.36
H231 9H4 B . 3.90 -9.03 -2.76
H1 9H4 B . 5.14 -7.33 -4.58
H351 9H4 B . 3.59 -15.46 -3.94
ZN ZN C . -15.49 -4.49 9.50
C1 EDO D . 2.13 -16.78 5.37
O1 EDO D . 2.52 -16.79 4.00
C2 EDO D . 1.10 -15.68 5.56
O2 EDO D . -0.08 -16.10 4.86
H11 EDO D . 3.00 -16.59 6.01
H12 EDO D . 1.71 -17.74 5.66
HO1 EDO D . 3.26 -17.41 3.88
H21 EDO D . 1.46 -14.73 5.14
H22 EDO D . 0.88 -15.52 6.61
HO2 EDO D . -0.82 -16.14 5.49
C1 EDO E . 35.21 8.54 -4.13
O1 EDO E . 35.76 7.63 -3.18
C2 EDO E . 35.17 7.86 -5.50
O2 EDO E . 35.57 6.48 -5.36
H11 EDO E . 35.83 9.43 -4.20
H12 EDO E . 34.22 8.85 -3.83
HO1 EDO E . 35.58 7.95 -2.29
H21 EDO E . 34.15 7.90 -5.89
H22 EDO E . 35.82 8.36 -6.20
HO2 EDO E . 35.27 5.98 -6.12
C1 EDO F . 2.09 -11.38 10.05
O1 EDO F . 2.09 -10.46 11.14
C2 EDO F . 1.05 -12.45 10.34
O2 EDO F . 1.02 -13.33 9.21
H11 EDO F . 3.08 -11.84 9.94
H12 EDO F . 1.85 -10.87 9.12
HO1 EDO F . 2.99 -10.42 11.53
H21 EDO F . 0.07 -12.01 10.50
H22 EDO F . 1.32 -13.01 11.25
HO2 EDO F . 0.13 -13.67 9.09
C1 EDO G . 1.91 5.69 -11.93
O1 EDO G . 0.58 6.17 -11.78
C2 EDO G . 2.15 5.31 -13.38
O2 EDO G . 1.02 4.57 -13.89
H11 EDO G . 2.07 4.82 -11.29
H12 EDO G . 2.63 6.46 -11.63
HO1 EDO G . 0.33 6.14 -10.86
H21 EDO G . 3.06 4.71 -13.48
H22 EDO G . 2.29 6.21 -13.99
HO2 EDO G . 0.43 4.36 -13.15
C1 GOL H . -11.51 -8.82 13.73
O1 GOL H . -12.86 -8.68 14.10
C2 GOL H . -11.57 -8.84 12.21
O2 GOL H . -11.75 -10.16 11.78
C3 GOL H . -10.34 -8.20 11.64
O3 GOL H . -10.53 -8.22 10.26
H11 GOL H . -11.09 -9.63 14.06
H12 GOL H . -10.95 -8.09 14.04
HO1 GOL H . -12.87 -8.44 14.91
H2 GOL H . -12.31 -8.31 11.89
HO2 GOL H . -11.84 -10.65 12.48
H31 GOL H . -9.54 -8.68 11.94
H32 GOL H . -10.24 -7.30 12.01
HO3 GOL H . -11.34 -8.03 10.11
C1 GOL I . 15.19 -1.54 -4.58
O1 GOL I . 16.59 -1.46 -4.54
C2 GOL I . 14.70 -2.88 -5.13
O2 GOL I . 13.38 -3.02 -4.80
C3 GOL I . 14.99 -2.88 -6.54
O3 GOL I . 13.88 -2.43 -7.08
H11 GOL I . 14.82 -0.84 -5.14
H12 GOL I . 14.80 -1.41 -3.70
HO1 GOL I . 16.79 -0.64 -4.73
H2 GOL I . 15.17 -3.63 -4.75
HO2 GOL I . 13.32 -2.76 -3.98
H31 GOL I . 15.77 -2.33 -6.72
H32 GOL I . 15.23 -3.77 -6.83
HO3 GOL I . 13.51 -1.98 -6.46
S SO4 J . 16.57 -4.95 1.85
O1 SO4 J . 16.78 -5.00 3.29
O2 SO4 J . 15.79 -3.77 1.52
O3 SO4 J . 15.80 -6.10 1.40
O4 SO4 J . 17.86 -4.96 1.16
S SO4 K . -22.00 -17.78 8.41
O1 SO4 K . -23.26 -17.44 9.10
O2 SO4 K . -21.07 -18.47 9.30
O3 SO4 K . -21.28 -16.57 7.97
O4 SO4 K . -22.34 -18.60 7.25
#